data_7C2H
#
_entry.id   7C2H
#
_cell.length_a   49.915
_cell.length_b   98.644
_cell.length_c   62.448
_cell.angle_alpha   90.000
_cell.angle_beta   94.020
_cell.angle_gamma   90.000
#
_symmetry.space_group_name_H-M   'P 1 21 1'
#
loop_
_entity.id
_entity.type
_entity.pdbx_description
1 polymer 'Actin, alpha skeletal muscle'
2 polymer 2DGel3
3 non-polymer 'CALCIUM ION'
4 non-polymer "ADENOSINE-5'-TRIPHOSPHATE"
5 water water
#
loop_
_entity_poly.entity_id
_entity_poly.type
_entity_poly.pdbx_seq_one_letter_code
_entity_poly.pdbx_strand_id
1 'polypeptide(L)'
;MCDEDETTALVCDNGSGLVKAGFAGDDAPRAVFPSIVGRPRHQGVMVGMGQKDSYVGDEAQSKRGILTLKYPIE(HIC)G
IITNWDDMEKIWHHTFYNELRVAPEEHPTLLTEAPLNPKANREKMTQIMFETFNVPAMYVAIQAVLSLYASGRTTGIVLD
SGDGVTHNVPIYEGYALPHAIMRLDLAGRDLTDYLMKILTERGYSFVTTAEREIVRDIKEKLCYVALDFENEMATAASSS
SLEKSYELPDGQVITIGNERFRCPETLFQPSFIGMESAGIHETTYNSIMKCDIDIRKDLYANNVMSGGTTMYPGIADRMQ
KEITALAPSTMKIKIIAPPERKYSVWIGGSILASLSTFQQMWITKQEYDEAGPSIVHRKCF
;
A
2 'polypeptide(L)'
;GPMREPTVYHIQKGRLVKMKDPGAFGRGDCYLVDAGMKIYLWIGPKSTVDEKFLTAATAVMSDQSREGKADIDRIDGGNE
PAEFKALFDDFCLTDEDTEGILKKVQMETHEHRLWRVHREGDETFFAEVDLNKNSLKSDDVYLLDAWDDIWVWRGKDATA
REKFDGNILARRYDAERVGVQEIEIIEEGQEPEEFFKSFP
;
G
#
loop_
_chem_comp.id
_chem_comp.type
_chem_comp.name
_chem_comp.formula
ATP non-polymer ADENOSINE-5'-TRIPHOSPHATE 'C10 H16 N5 O13 P3'
CA non-polymer 'CALCIUM ION' 'Ca 2'
#
# COMPACT_ATOMS: atom_id res chain seq x y z
N THR A 8 20.93 1.36 7.78
CA THR A 8 19.56 1.45 7.25
C THR A 8 18.86 0.09 7.34
N ALA A 9 17.58 0.12 7.69
CA ALA A 9 16.78 -1.08 7.69
C ALA A 9 15.97 -1.17 6.40
N LEU A 10 15.47 -2.37 6.09
CA LEU A 10 14.70 -2.62 4.88
C LEU A 10 13.30 -3.12 5.23
N VAL A 11 12.32 -2.61 4.49
CA VAL A 11 10.91 -2.91 4.72
C VAL A 11 10.36 -3.63 3.50
N CYS A 12 9.98 -4.90 3.67
CA CYS A 12 9.34 -5.64 2.59
C CYS A 12 7.90 -5.98 2.99
N ASP A 13 6.92 -5.41 2.26
CA ASP A 13 5.50 -5.70 2.47
C ASP A 13 5.04 -6.67 1.40
N ASN A 14 4.99 -7.96 1.74
CA ASN A 14 4.66 -9.00 0.76
C ASN A 14 3.15 -9.16 0.65
N GLY A 15 2.59 -8.79 -0.50
CA GLY A 15 1.18 -8.94 -0.76
C GLY A 15 0.90 -10.09 -1.74
N SER A 16 -0.41 -10.33 -1.94
CA SER A 16 -0.84 -11.44 -2.77
C SER A 16 -0.56 -11.19 -4.25
N GLY A 17 -0.51 -9.92 -4.67
CA GLY A 17 -0.31 -9.62 -6.07
C GLY A 17 0.92 -8.75 -6.30
N LEU A 18 1.33 -8.01 -5.27
CA LEU A 18 2.39 -7.01 -5.38
C LEU A 18 3.34 -7.06 -4.19
N VAL A 19 4.62 -7.05 -4.49
CA VAL A 19 5.67 -6.86 -3.50
C VAL A 19 5.98 -5.38 -3.42
N LYS A 20 6.02 -4.84 -2.20
CA LYS A 20 6.42 -3.46 -1.95
C LYS A 20 7.69 -3.51 -1.13
N ALA A 21 8.75 -2.86 -1.59
CA ALA A 21 9.97 -2.91 -0.79
C ALA A 21 10.77 -1.61 -0.92
N GLY A 22 11.54 -1.31 0.12
CA GLY A 22 12.35 -0.10 0.11
C GLY A 22 13.10 0.06 1.41
N PHE A 23 13.57 1.28 1.66
CA PHE A 23 14.37 1.57 2.84
C PHE A 23 13.55 2.27 3.93
N ALA A 24 13.69 1.80 5.17
CA ALA A 24 13.09 2.47 6.32
C ALA A 24 13.54 3.93 6.41
N GLY A 25 12.58 4.84 6.50
CA GLY A 25 12.82 6.26 6.43
C GLY A 25 12.31 6.89 5.17
N ASP A 26 12.08 6.11 4.11
CA ASP A 26 11.54 6.60 2.86
C ASP A 26 10.04 6.75 2.98
N ASP A 27 9.50 7.77 2.32
CA ASP A 27 8.06 8.00 2.42
C ASP A 27 7.24 7.13 1.46
N ALA A 28 7.90 6.39 0.56
CA ALA A 28 7.26 5.54 -0.44
C ALA A 28 8.16 4.33 -0.72
N PRO A 29 7.59 3.20 -1.08
CA PRO A 29 8.43 2.06 -1.49
C PRO A 29 8.97 2.31 -2.88
N ARG A 30 10.26 1.99 -3.06
CA ARG A 30 10.92 2.26 -4.32
C ARG A 30 10.91 1.06 -5.28
N ALA A 31 10.61 -0.15 -4.77
CA ALA A 31 10.45 -1.35 -5.57
C ALA A 31 9.04 -1.88 -5.39
N VAL A 32 8.30 -1.99 -6.49
CA VAL A 32 6.95 -2.55 -6.49
C VAL A 32 6.83 -3.44 -7.73
N PHE A 33 6.68 -4.74 -7.52
CA PHE A 33 6.64 -5.65 -8.66
C PHE A 33 5.72 -6.81 -8.32
N PRO A 34 5.12 -7.46 -9.32
CA PRO A 34 4.14 -8.51 -9.06
C PRO A 34 4.72 -9.66 -8.28
N SER A 35 3.91 -10.19 -7.38
CA SER A 35 4.32 -11.32 -6.56
C SER A 35 3.94 -12.61 -7.28
N ILE A 36 4.59 -12.81 -8.43
CA ILE A 36 4.28 -13.89 -9.36
C ILE A 36 5.58 -14.56 -9.75
N VAL A 37 5.56 -15.88 -9.83
CA VAL A 37 6.70 -16.66 -10.29
C VAL A 37 6.21 -17.61 -11.38
N GLY A 38 6.94 -17.66 -12.48
CA GLY A 38 6.58 -18.45 -13.63
C GLY A 38 7.62 -19.53 -13.92
N ARG A 39 7.15 -20.75 -14.00
CA ARG A 39 8.06 -21.82 -14.33
C ARG A 39 7.65 -22.44 -15.66
N PRO A 40 8.62 -22.96 -16.43
CA PRO A 40 8.29 -23.59 -17.71
C PRO A 40 7.15 -24.59 -17.60
N ARG A 41 6.26 -24.55 -18.60
CA ARG A 41 4.96 -25.24 -18.63
C ARG A 41 4.84 -26.54 -17.83
N ASP A 53 15.65 -21.47 -14.65
CA ASP A 53 14.59 -22.42 -14.35
C ASP A 53 13.36 -21.68 -13.82
N SER A 54 13.52 -20.42 -13.42
CA SER A 54 12.45 -19.63 -12.82
C SER A 54 12.50 -18.18 -13.31
N TYR A 55 11.31 -17.59 -13.45
CA TYR A 55 11.15 -16.19 -13.82
C TYR A 55 10.20 -15.52 -12.84
N VAL A 56 10.54 -14.32 -12.40
CA VAL A 56 9.96 -13.69 -11.21
C VAL A 56 9.52 -12.28 -11.56
N GLY A 57 8.36 -11.89 -11.04
CA GLY A 57 7.96 -10.48 -11.13
C GLY A 57 7.46 -10.11 -12.51
N ASP A 58 7.93 -8.95 -13.01
CA ASP A 58 7.41 -8.42 -14.27
C ASP A 58 7.73 -9.35 -15.43
N GLU A 59 8.93 -9.93 -15.42
CA GLU A 59 9.31 -10.87 -16.45
C GLU A 59 8.38 -12.07 -16.47
N ALA A 60 7.98 -12.54 -15.30
CA ALA A 60 7.00 -13.63 -15.23
C ALA A 60 5.71 -13.23 -15.94
N GLN A 61 5.17 -12.06 -15.60
CA GLN A 61 3.97 -11.57 -16.29
C GLN A 61 4.19 -11.46 -17.80
N SER A 62 5.29 -10.82 -18.21
CA SER A 62 5.55 -10.58 -19.62
C SER A 62 5.68 -11.88 -20.41
N LYS A 63 6.24 -12.91 -19.79
CA LYS A 63 6.42 -14.24 -20.35
C LYS A 63 5.20 -15.11 -20.10
N ARG A 64 4.01 -14.51 -20.22
CA ARG A 64 2.76 -15.17 -19.84
C ARG A 64 2.38 -16.28 -20.82
N GLY A 65 2.72 -16.14 -22.10
CA GLY A 65 2.26 -17.08 -23.10
C GLY A 65 2.90 -18.46 -23.01
N ILE A 66 4.09 -18.55 -22.42
CA ILE A 66 4.84 -19.80 -22.45
C ILE A 66 5.16 -20.33 -21.06
N LEU A 67 4.63 -19.70 -20.00
CA LEU A 67 4.94 -20.13 -18.64
C LEU A 67 3.69 -20.50 -17.87
N THR A 68 3.90 -21.16 -16.73
CA THR A 68 2.90 -21.31 -15.68
C THR A 68 3.19 -20.28 -14.60
N LEU A 69 2.25 -19.37 -14.38
CA LEU A 69 2.38 -18.37 -13.31
C LEU A 69 1.70 -18.83 -12.05
N LYS A 70 2.43 -18.81 -10.94
CA LYS A 70 1.90 -19.15 -9.63
C LYS A 70 2.04 -17.95 -8.71
N TYR A 71 1.01 -17.70 -7.92
CA TYR A 71 1.10 -16.72 -6.85
C TYR A 71 1.57 -17.45 -5.60
N PRO A 72 2.74 -17.11 -5.05
CA PRO A 72 3.21 -17.83 -3.85
C PRO A 72 2.42 -17.49 -2.61
N ILE A 73 1.86 -16.29 -2.55
CA ILE A 73 1.05 -15.85 -1.42
C ILE A 73 -0.41 -15.85 -1.86
N GLU A 74 -1.26 -16.49 -1.08
CA GLU A 74 -2.67 -16.50 -1.43
C GLU A 74 -3.48 -16.05 -0.22
N HIC A 75 -4.25 -14.98 -0.45
CA HIC A 75 -5.05 -14.35 0.59
C HIC A 75 -4.15 -13.85 1.72
O HIC A 75 -4.48 -13.91 2.90
CB HIC A 75 -6.12 -15.26 1.20
CG HIC A 75 -7.10 -15.71 0.19
ND1 HIC A 75 -7.87 -16.88 0.23
CD2 HIC A 75 -7.40 -14.99 -0.99
CE1 HIC A 75 -8.60 -16.87 -0.90
NE2 HIC A 75 -8.35 -15.73 -1.67
CZ HIC A 75 -8.95 -15.36 -2.93
N GLY A 76 -2.98 -13.34 1.35
CA GLY A 76 -2.04 -12.78 2.31
C GLY A 76 -1.16 -13.78 3.05
N ILE A 77 -1.50 -15.08 2.96
CA ILE A 77 -0.73 -16.15 3.60
C ILE A 77 0.22 -16.72 2.57
N ILE A 78 1.43 -17.05 3.01
CA ILE A 78 2.43 -17.68 2.15
C ILE A 78 2.07 -19.13 1.96
N THR A 79 2.07 -19.58 0.72
CA THR A 79 1.75 -20.97 0.45
C THR A 79 2.85 -21.73 -0.28
N ASN A 80 3.52 -21.11 -1.24
CA ASN A 80 4.62 -21.78 -1.93
C ASN A 80 5.92 -21.18 -1.42
N TRP A 81 6.63 -21.95 -0.59
CA TRP A 81 7.84 -21.42 0.05
C TRP A 81 9.00 -21.27 -0.95
N ASP A 82 9.26 -22.31 -1.74
CA ASP A 82 10.31 -22.25 -2.77
C ASP A 82 10.20 -21.00 -3.61
N ASP A 83 8.99 -20.67 -4.06
CA ASP A 83 8.84 -19.55 -4.97
C ASP A 83 8.90 -18.25 -4.19
N MET A 84 8.59 -18.29 -2.90
CA MET A 84 8.68 -17.09 -2.08
C MET A 84 10.12 -16.65 -1.92
N GLU A 85 11.04 -17.61 -1.71
CA GLU A 85 12.45 -17.26 -1.66
C GLU A 85 12.94 -16.66 -2.97
N LYS A 86 12.39 -17.11 -4.11
CA LYS A 86 12.72 -16.46 -5.37
C LYS A 86 12.13 -15.07 -5.45
N ILE A 87 10.98 -14.85 -4.81
CA ILE A 87 10.48 -13.49 -4.68
C ILE A 87 11.45 -12.66 -3.86
N TRP A 88 11.84 -13.17 -2.69
CA TRP A 88 12.73 -12.44 -1.80
C TRP A 88 14.11 -12.26 -2.41
N HIS A 89 14.63 -13.33 -3.03
CA HIS A 89 15.87 -13.21 -3.79
C HIS A 89 15.75 -12.10 -4.82
N HIS A 90 14.64 -12.08 -5.56
CA HIS A 90 14.43 -11.05 -6.56
C HIS A 90 14.24 -9.67 -5.93
N THR A 91 13.66 -9.62 -4.72
CA THR A 91 13.52 -8.34 -4.03
C THR A 91 14.88 -7.77 -3.66
N PHE A 92 15.74 -8.60 -3.10
CA PHE A 92 17.04 -8.14 -2.64
C PHE A 92 17.98 -7.83 -3.79
N TYR A 93 18.19 -8.80 -4.68
CA TYR A 93 19.27 -8.77 -5.66
C TYR A 93 18.89 -8.10 -6.98
N ASN A 94 17.62 -8.12 -7.38
CA ASN A 94 17.23 -7.57 -8.68
C ASN A 94 16.56 -6.20 -8.59
N GLU A 95 15.82 -5.92 -7.53
CA GLU A 95 15.00 -4.71 -7.44
C GLU A 95 15.63 -3.62 -6.58
N LEU A 96 16.11 -3.95 -5.39
CA LEU A 96 16.82 -2.99 -4.56
C LEU A 96 18.33 -3.14 -4.67
N ARG A 97 18.82 -4.26 -5.18
CA ARG A 97 20.25 -4.52 -5.31
C ARG A 97 20.99 -4.17 -4.02
N VAL A 98 20.61 -4.89 -2.96
CA VAL A 98 21.24 -4.78 -1.65
C VAL A 98 21.72 -6.16 -1.23
N ALA A 99 22.66 -6.18 -0.30
CA ALA A 99 23.12 -7.44 0.28
C ALA A 99 22.34 -7.68 1.57
N PRO A 100 21.38 -8.62 1.59
CA PRO A 100 20.57 -8.83 2.80
C PRO A 100 21.41 -9.03 4.07
N GLU A 101 22.62 -9.55 3.95
CA GLU A 101 23.51 -9.66 5.11
C GLU A 101 23.82 -8.30 5.74
N GLU A 102 23.45 -7.19 5.09
CA GLU A 102 23.81 -5.84 5.49
C GLU A 102 22.73 -5.12 6.29
N HIS A 103 21.48 -5.56 6.21
CA HIS A 103 20.40 -4.76 6.75
C HIS A 103 19.42 -5.57 7.58
N PRO A 104 19.06 -5.10 8.78
CA PRO A 104 17.84 -5.59 9.42
C PRO A 104 16.68 -5.46 8.46
N THR A 105 15.86 -6.49 8.38
CA THR A 105 14.76 -6.51 7.43
C THR A 105 13.45 -6.71 8.18
N LEU A 106 12.50 -5.80 7.95
CA LEU A 106 11.16 -5.89 8.53
CA LEU A 106 11.17 -5.89 8.52
C LEU A 106 10.23 -6.53 7.49
N LEU A 107 9.61 -7.64 7.87
CA LEU A 107 8.58 -8.29 7.08
C LEU A 107 7.20 -7.97 7.66
N THR A 108 6.18 -8.09 6.81
CA THR A 108 4.81 -7.99 7.26
C THR A 108 4.11 -9.33 7.11
N GLU A 109 2.93 -9.43 7.73
CA GLU A 109 2.18 -10.67 7.81
C GLU A 109 0.69 -10.37 7.81
N ALA A 110 -0.09 -11.28 7.24
CA ALA A 110 -1.52 -11.14 7.06
C ALA A 110 -2.26 -11.41 8.36
N PRO A 111 -3.55 -11.07 8.41
CA PRO A 111 -4.38 -11.55 9.51
C PRO A 111 -4.44 -13.08 9.53
N LEU A 112 -4.47 -13.64 10.74
CA LEU A 112 -4.67 -15.08 10.94
C LEU A 112 -3.54 -15.92 10.38
N ASN A 113 -2.37 -15.33 10.19
CA ASN A 113 -1.24 -16.07 9.66
C ASN A 113 -0.82 -17.11 10.69
N PRO A 114 -0.83 -18.39 10.34
CA PRO A 114 -0.51 -19.43 11.33
C PRO A 114 0.90 -19.29 11.89
N LYS A 115 1.08 -19.85 13.08
CA LYS A 115 2.37 -19.77 13.76
C LYS A 115 3.48 -20.41 12.95
N ALA A 116 3.19 -21.53 12.28
CA ALA A 116 4.25 -22.27 11.58
C ALA A 116 4.83 -21.43 10.40
N ASN A 117 3.97 -20.83 9.52
CA ASN A 117 4.35 -19.96 8.43
C ASN A 117 5.42 -18.97 8.89
N ARG A 118 5.28 -18.40 10.06
CA ARG A 118 6.05 -17.22 10.43
C ARG A 118 7.36 -17.51 11.12
N GLU A 119 7.46 -18.64 11.78
CA GLU A 119 8.75 -19.27 12.04
C GLU A 119 9.48 -19.54 10.73
N LYS A 120 8.75 -20.02 9.70
CA LYS A 120 9.39 -20.30 8.42
C LYS A 120 9.86 -19.02 7.75
N MET A 121 9.09 -17.93 7.86
CA MET A 121 9.61 -16.63 7.41
C MET A 121 10.90 -16.28 8.16
N THR A 122 10.90 -16.51 9.48
CA THR A 122 12.09 -16.21 10.28
C THR A 122 13.27 -17.09 9.87
N GLN A 123 13.08 -18.41 9.85
CA GLN A 123 14.15 -19.34 9.53
C GLN A 123 14.78 -19.04 8.17
N ILE A 124 13.96 -18.81 7.15
CA ILE A 124 14.48 -18.50 5.81
C ILE A 124 15.28 -17.22 5.83
N MET A 125 14.83 -16.24 6.60
CA MET A 125 15.48 -14.93 6.64
C MET A 125 16.91 -15.05 7.17
N PHE A 126 17.10 -15.83 8.23
CA PHE A 126 18.39 -15.92 8.91
C PHE A 126 19.34 -16.94 8.28
N GLU A 127 18.81 -18.05 7.73
CA GLU A 127 19.63 -19.15 7.24
C GLU A 127 19.89 -19.06 5.74
N THR A 128 18.95 -18.53 4.98
CA THR A 128 19.12 -18.38 3.53
C THR A 128 19.71 -17.01 3.18
N PHE A 129 19.17 -15.94 3.76
CA PHE A 129 19.61 -14.58 3.44
C PHE A 129 20.52 -13.97 4.49
N ASN A 130 20.78 -14.66 5.60
CA ASN A 130 21.78 -14.24 6.59
C ASN A 130 21.57 -12.79 7.03
N VAL A 131 20.32 -12.45 7.33
CA VAL A 131 20.03 -11.06 7.74
C VAL A 131 20.54 -10.84 9.15
N PRO A 132 21.04 -9.64 9.48
CA PRO A 132 21.57 -9.44 10.84
C PRO A 132 20.48 -9.41 11.88
N ALA A 133 19.31 -8.89 11.52
CA ALA A 133 18.17 -8.81 12.41
C ALA A 133 16.91 -8.78 11.57
N MET A 134 15.77 -9.07 12.20
CA MET A 134 14.51 -9.05 11.49
C MET A 134 13.37 -8.83 12.47
N TYR A 135 12.17 -8.65 11.91
CA TYR A 135 10.94 -8.51 12.66
C TYR A 135 9.77 -8.75 11.71
N VAL A 136 8.70 -9.33 12.24
CA VAL A 136 7.45 -9.52 11.50
C VAL A 136 6.35 -8.70 12.18
N ALA A 137 5.77 -7.76 11.43
CA ALA A 137 4.70 -6.90 11.90
C ALA A 137 3.41 -7.23 11.16
N ILE A 138 2.28 -6.92 11.80
CA ILE A 138 0.97 -7.23 11.25
C ILE A 138 0.48 -6.05 10.43
N GLN A 139 0.08 -6.34 9.17
CA GLN A 139 -0.26 -5.30 8.21
C GLN A 139 -1.39 -4.42 8.73
N ALA A 140 -2.41 -5.03 9.31
CA ALA A 140 -3.58 -4.25 9.69
C ALA A 140 -3.23 -3.26 10.79
N VAL A 141 -2.43 -3.69 11.77
CA VAL A 141 -2.02 -2.81 12.87
C VAL A 141 -1.10 -1.69 12.37
N LEU A 142 -0.18 -1.99 11.44
CA LEU A 142 0.64 -0.95 10.85
C LEU A 142 -0.21 0.14 10.20
N SER A 143 -1.20 -0.27 9.42
CA SER A 143 -2.07 0.72 8.78
C SER A 143 -2.88 1.49 9.80
N LEU A 144 -3.34 0.81 10.86
CA LEU A 144 -4.10 1.48 11.91
C LEU A 144 -3.26 2.51 12.63
N TYR A 145 -2.07 2.10 13.11
CA TYR A 145 -1.15 3.05 13.73
C TYR A 145 -0.85 4.20 12.79
N ALA A 146 -0.75 3.91 11.49
CA ALA A 146 -0.39 4.94 10.53
C ALA A 146 -1.50 5.99 10.37
N SER A 147 -2.75 5.59 10.64
CA SER A 147 -3.90 6.50 10.67
C SER A 147 -4.00 7.33 11.96
N GLY A 148 -3.21 7.00 12.97
CA GLY A 148 -3.31 7.71 14.24
C GLY A 148 -4.21 7.03 15.23
N ARG A 149 -4.34 5.71 15.17
CA ARG A 149 -5.32 5.01 16.00
C ARG A 149 -4.67 3.79 16.61
N THR A 150 -5.08 3.46 17.83
CA THR A 150 -4.77 2.19 18.43
C THR A 150 -5.96 1.27 18.39
N THR A 151 -7.13 1.78 18.00
CA THR A 151 -8.36 1.04 18.01
C THR A 151 -9.19 1.43 16.80
N GLY A 152 -9.73 0.43 16.13
CA GLY A 152 -10.49 0.65 14.92
C GLY A 152 -10.72 -0.67 14.22
N ILE A 153 -11.46 -0.58 13.12
CA ILE A 153 -11.68 -1.73 12.26
C ILE A 153 -11.10 -1.37 10.90
N VAL A 154 -10.10 -2.13 10.47
CA VAL A 154 -9.44 -1.86 9.20
C VAL A 154 -10.15 -2.65 8.11
N LEU A 155 -10.50 -1.96 7.02
CA LEU A 155 -10.87 -2.61 5.77
CA LEU A 155 -10.89 -2.60 5.77
C LEU A 155 -9.64 -2.61 4.87
N ASP A 156 -9.05 -3.80 4.68
CA ASP A 156 -7.81 -3.97 3.92
C ASP A 156 -8.17 -4.68 2.62
N SER A 157 -8.25 -3.90 1.54
CA SER A 157 -8.62 -4.42 0.23
C SER A 157 -7.41 -4.29 -0.69
N GLY A 158 -6.79 -5.42 -1.02
CA GLY A 158 -5.58 -5.39 -1.83
C GLY A 158 -5.73 -5.89 -3.25
N ASP A 159 -4.87 -6.82 -3.65
CA ASP A 159 -4.98 -7.39 -4.97
C ASP A 159 -5.74 -8.70 -4.97
N GLY A 160 -5.60 -9.52 -3.94
CA GLY A 160 -6.23 -10.82 -3.96
C GLY A 160 -7.21 -11.12 -2.85
N VAL A 161 -7.35 -10.22 -1.87
CA VAL A 161 -8.16 -10.50 -0.68
C VAL A 161 -8.61 -9.19 -0.06
N THR A 162 -9.79 -9.21 0.54
CA THR A 162 -10.32 -8.09 1.31
C THR A 162 -10.61 -8.57 2.73
N HIS A 163 -10.06 -7.87 3.74
CA HIS A 163 -10.10 -8.29 5.13
C HIS A 163 -10.71 -7.18 6.00
N ASN A 164 -11.57 -7.56 6.94
CA ASN A 164 -12.06 -6.66 7.97
C ASN A 164 -11.36 -7.04 9.27
N VAL A 165 -10.56 -6.13 9.81
CA VAL A 165 -9.70 -6.45 10.93
C VAL A 165 -10.01 -5.52 12.11
N PRO A 166 -10.86 -5.96 13.04
CA PRO A 166 -11.09 -5.17 14.26
C PRO A 166 -9.88 -5.19 15.16
N ILE A 167 -9.49 -4.01 15.63
CA ILE A 167 -8.32 -3.87 16.47
C ILE A 167 -8.72 -3.12 17.74
N TYR A 168 -8.45 -3.70 18.90
CA TYR A 168 -8.74 -3.04 20.17
C TYR A 168 -7.42 -2.71 20.87
N GLU A 169 -7.12 -1.42 20.96
CA GLU A 169 -5.96 -0.91 21.69
C GLU A 169 -4.69 -1.69 21.34
N GLY A 170 -4.47 -1.89 20.04
CA GLY A 170 -3.22 -2.43 19.55
C GLY A 170 -3.23 -3.91 19.23
N TYR A 171 -4.35 -4.59 19.44
N TYR A 171 -4.34 -4.61 19.45
CA TYR A 171 -4.43 -6.04 19.34
CA TYR A 171 -4.35 -6.06 19.29
C TYR A 171 -5.65 -6.41 18.49
C TYR A 171 -5.62 -6.47 18.55
N ALA A 172 -5.42 -7.14 17.41
CA ALA A 172 -6.51 -7.58 16.56
C ALA A 172 -7.33 -8.65 17.26
N LEU A 173 -8.64 -8.62 17.01
CA LEU A 173 -9.51 -9.64 17.59
C LEU A 173 -9.69 -10.78 16.58
N PRO A 174 -8.96 -11.89 16.73
CA PRO A 174 -8.97 -12.91 15.66
C PRO A 174 -10.34 -13.53 15.42
N HIS A 175 -11.21 -13.55 16.43
CA HIS A 175 -12.52 -14.18 16.27
C HIS A 175 -13.44 -13.38 15.37
N ALA A 176 -13.19 -12.07 15.20
CA ALA A 176 -14.12 -11.21 14.48
C ALA A 176 -13.61 -10.84 13.10
N ILE A 177 -12.52 -11.44 12.66
CA ILE A 177 -11.91 -11.02 11.40
C ILE A 177 -12.71 -11.64 10.27
N MET A 178 -13.05 -10.82 9.30
CA MET A 178 -13.83 -11.28 8.15
C MET A 178 -12.97 -11.24 6.91
N ARG A 179 -13.32 -12.06 5.95
CA ARG A 179 -12.57 -12.15 4.72
C ARG A 179 -13.53 -12.16 3.55
N LEU A 180 -13.15 -11.45 2.50
CA LEU A 180 -13.89 -11.43 1.24
C LEU A 180 -12.90 -11.83 0.15
N ASP A 181 -13.06 -13.04 -0.39
CA ASP A 181 -12.23 -13.53 -1.49
C ASP A 181 -12.47 -12.76 -2.77
N LEU A 182 -12.13 -11.48 -2.77
CA LEU A 182 -12.41 -10.56 -3.87
C LEU A 182 -11.62 -9.29 -3.63
N ALA A 183 -10.93 -8.77 -4.66
CA ALA A 183 -10.12 -7.57 -4.55
C ALA A 183 -9.73 -7.06 -5.93
N GLY A 184 -8.59 -6.34 -6.02
CA GLY A 184 -8.26 -5.63 -7.25
C GLY A 184 -8.12 -6.52 -8.49
N ARG A 185 -7.58 -7.72 -8.33
CA ARG A 185 -7.36 -8.53 -9.53
C ARG A 185 -8.67 -9.01 -10.14
N ASP A 186 -9.70 -9.23 -9.32
CA ASP A 186 -11.01 -9.59 -9.86
C ASP A 186 -11.70 -8.39 -10.48
N LEU A 187 -11.43 -7.21 -9.95
CA LEU A 187 -11.99 -6.01 -10.52
C LEU A 187 -11.38 -5.72 -11.87
N THR A 188 -10.05 -5.86 -11.98
CA THR A 188 -9.39 -5.77 -13.28
C THR A 188 -10.01 -6.75 -14.27
N ASP A 189 -10.09 -8.03 -13.89
CA ASP A 189 -10.65 -9.04 -14.78
C ASP A 189 -12.08 -8.68 -15.17
N TYR A 190 -12.87 -8.16 -14.22
CA TYR A 190 -14.25 -7.82 -14.53
C TYR A 190 -14.31 -6.59 -15.45
N LEU A 191 -13.48 -5.60 -15.18
CA LEU A 191 -13.38 -4.45 -16.07
C LEU A 191 -12.94 -4.87 -17.47
N MET A 192 -12.00 -5.81 -17.56
CA MET A 192 -11.60 -6.30 -18.88
C MET A 192 -12.79 -6.92 -19.60
N LYS A 193 -13.53 -7.80 -18.90
CA LYS A 193 -14.69 -8.47 -19.46
C LYS A 193 -15.72 -7.49 -20.04
N ILE A 194 -16.08 -6.45 -19.28
CA ILE A 194 -17.15 -5.55 -19.74
C ILE A 194 -16.64 -4.48 -20.71
N LEU A 195 -15.34 -4.18 -20.70
CA LEU A 195 -14.78 -3.38 -21.78
C LEU A 195 -14.70 -4.19 -23.08
N THR A 196 -14.53 -5.51 -22.98
CA THR A 196 -14.65 -6.33 -24.18
C THR A 196 -16.06 -6.25 -24.76
N GLU A 197 -17.07 -6.22 -23.89
CA GLU A 197 -18.46 -6.12 -24.36
C GLU A 197 -18.72 -4.79 -25.06
N ARG A 198 -17.92 -3.76 -24.79
CA ARG A 198 -17.94 -2.53 -25.57
C ARG A 198 -17.33 -2.69 -26.97
N GLY A 199 -16.56 -3.76 -27.20
CA GLY A 199 -16.00 -4.00 -28.51
C GLY A 199 -14.49 -3.87 -28.57
N TYR A 200 -13.82 -4.06 -27.44
CA TYR A 200 -12.37 -3.95 -27.36
C TYR A 200 -11.76 -5.31 -27.08
N SER A 201 -10.44 -5.39 -27.28
CA SER A 201 -9.68 -6.63 -27.12
C SER A 201 -8.44 -6.36 -26.29
N PHE A 202 -8.17 -7.24 -25.31
CA PHE A 202 -7.04 -7.09 -24.39
C PHE A 202 -6.43 -8.48 -24.20
N VAL A 203 -5.33 -8.72 -24.94
CA VAL A 203 -4.69 -10.03 -25.08
C VAL A 203 -3.20 -9.90 -24.80
N THR A 204 -2.55 -8.91 -25.39
CA THR A 204 -1.11 -8.77 -25.15
C THR A 204 -0.85 -8.12 -23.79
N THR A 205 0.40 -8.24 -23.37
CA THR A 205 0.82 -7.66 -22.10
C THR A 205 0.50 -6.16 -22.02
N ALA A 206 0.85 -5.40 -23.06
CA ALA A 206 0.59 -3.96 -23.01
C ALA A 206 -0.90 -3.67 -22.87
N GLU A 207 -1.74 -4.41 -23.62
CA GLU A 207 -3.19 -4.20 -23.61
C GLU A 207 -3.80 -4.55 -22.25
N ARG A 208 -3.23 -5.49 -21.51
CA ARG A 208 -3.76 -5.81 -20.20
C ARG A 208 -3.41 -4.71 -19.18
N GLU A 209 -2.22 -4.12 -19.31
CA GLU A 209 -1.87 -2.96 -18.48
C GLU A 209 -2.77 -1.77 -18.76
N ILE A 210 -3.32 -1.67 -19.98
CA ILE A 210 -4.22 -0.55 -20.26
C ILE A 210 -5.50 -0.68 -19.44
N VAL A 211 -6.04 -1.91 -19.35
CA VAL A 211 -7.23 -2.16 -18.53
C VAL A 211 -6.96 -1.77 -17.10
N ARG A 212 -5.82 -2.19 -16.57
N ARG A 212 -5.82 -2.19 -16.57
CA ARG A 212 -5.51 -1.89 -15.19
CA ARG A 212 -5.49 -1.89 -15.19
C ARG A 212 -5.18 -0.41 -14.99
C ARG A 212 -5.21 -0.42 -15.00
N ASP A 213 -4.59 0.22 -16.00
CA ASP A 213 -4.37 1.65 -15.92
C ASP A 213 -5.69 2.41 -15.96
N ILE A 214 -6.64 1.91 -16.76
CA ILE A 214 -7.95 2.55 -16.78
C ILE A 214 -8.65 2.37 -15.45
N LYS A 215 -8.52 1.19 -14.86
CA LYS A 215 -9.12 0.92 -13.56
C LYS A 215 -8.64 1.94 -12.52
N GLU A 216 -7.34 2.15 -12.45
CA GLU A 216 -6.76 2.97 -11.40
C GLU A 216 -6.92 4.46 -11.65
N LYS A 217 -7.42 4.87 -12.81
CA LYS A 217 -7.48 6.27 -13.20
C LYS A 217 -8.89 6.81 -13.43
N LEU A 218 -9.81 6.00 -13.98
CA LEU A 218 -11.15 6.48 -14.32
C LEU A 218 -12.28 5.80 -13.56
N CYS A 219 -12.03 4.75 -12.81
CA CYS A 219 -13.14 4.12 -12.10
C CYS A 219 -13.44 4.85 -10.79
N TYR A 220 -14.66 4.60 -10.28
CA TYR A 220 -15.11 5.24 -9.06
C TYR A 220 -16.29 4.46 -8.48
N VAL A 221 -16.52 4.66 -7.19
CA VAL A 221 -17.67 4.06 -6.50
C VAL A 221 -18.77 5.10 -6.41
N ALA A 222 -19.93 4.76 -6.94
CA ALA A 222 -21.04 5.70 -6.99
C ALA A 222 -21.74 5.72 -5.65
N LEU A 223 -22.23 6.89 -5.25
CA LEU A 223 -22.90 7.00 -3.95
C LEU A 223 -24.18 6.18 -3.92
N ASP A 224 -24.98 6.25 -4.99
CA ASP A 224 -26.18 5.42 -5.15
C ASP A 224 -26.09 4.78 -6.52
N PHE A 225 -25.98 3.45 -6.58
CA PHE A 225 -25.65 2.79 -7.85
C PHE A 225 -26.76 2.99 -8.88
N GLU A 226 -28.01 2.66 -8.55
CA GLU A 226 -29.07 2.68 -9.55
C GLU A 226 -29.33 4.07 -10.09
N ASN A 227 -29.18 5.11 -9.25
CA ASN A 227 -29.26 6.47 -9.76
C ASN A 227 -28.09 6.77 -10.72
N GLU A 228 -26.93 6.18 -10.46
CA GLU A 228 -25.81 6.42 -11.36
C GLU A 228 -26.04 5.75 -12.72
N MET A 229 -26.68 4.57 -12.71
CA MET A 229 -27.00 3.90 -13.97
C MET A 229 -27.99 4.72 -14.79
N ALA A 230 -29.03 5.24 -14.13
CA ALA A 230 -29.97 6.12 -14.82
C ALA A 230 -29.25 7.33 -15.42
N THR A 231 -28.40 8.00 -14.63
CA THR A 231 -27.63 9.13 -15.14
C THR A 231 -26.76 8.73 -16.32
N ALA A 232 -26.15 7.54 -16.24
CA ALA A 232 -25.32 7.09 -17.35
C ALA A 232 -26.16 6.77 -18.59
N ALA A 233 -27.40 6.31 -18.38
CA ALA A 233 -28.26 5.97 -19.52
C ALA A 233 -28.83 7.20 -20.21
N SER A 234 -29.26 8.21 -19.42
CA SER A 234 -29.99 9.33 -20.00
C SER A 234 -29.11 10.37 -20.68
N SER A 235 -27.79 10.26 -20.59
CA SER A 235 -26.87 11.23 -21.19
C SER A 235 -25.50 10.59 -21.25
N SER A 236 -24.57 11.28 -21.92
CA SER A 236 -23.16 10.90 -21.88
C SER A 236 -22.37 11.72 -20.86
N SER A 237 -23.04 12.14 -19.77
CA SER A 237 -22.41 13.04 -18.81
C SER A 237 -21.20 12.40 -18.13
N LEU A 238 -21.28 11.11 -17.83
CA LEU A 238 -20.25 10.44 -17.04
C LEU A 238 -19.24 9.69 -17.90
N GLU A 239 -19.35 9.76 -19.21
CA GLU A 239 -18.38 9.06 -20.06
C GLU A 239 -17.07 9.83 -20.08
N LYS A 240 -15.98 9.07 -20.16
CA LYS A 240 -14.63 9.60 -20.05
C LYS A 240 -13.77 8.83 -21.03
N SER A 241 -12.74 9.48 -21.55
CA SER A 241 -11.96 8.90 -22.63
C SER A 241 -10.52 8.68 -22.22
N TYR A 242 -10.00 7.49 -22.54
CA TYR A 242 -8.63 7.13 -22.18
C TYR A 242 -7.79 7.06 -23.46
N GLU A 243 -6.84 7.99 -23.57
CA GLU A 243 -6.04 8.10 -24.78
C GLU A 243 -4.87 7.14 -24.74
N LEU A 244 -4.73 6.35 -25.80
CA LEU A 244 -3.63 5.42 -26.06
C LEU A 244 -2.46 6.12 -26.73
N PRO A 245 -1.24 5.59 -26.55
CA PRO A 245 -0.04 6.22 -27.13
C PRO A 245 -0.14 6.56 -28.60
N ASP A 246 -0.80 5.74 -29.41
CA ASP A 246 -0.90 6.00 -30.84
C ASP A 246 -2.02 6.97 -31.19
N GLY A 247 -2.60 7.67 -30.21
CA GLY A 247 -3.70 8.58 -30.45
C GLY A 247 -5.07 7.95 -30.48
N GLN A 248 -5.18 6.63 -30.31
CA GLN A 248 -6.50 6.03 -30.18
C GLN A 248 -7.15 6.43 -28.85
N VAL A 249 -8.44 6.17 -28.77
CA VAL A 249 -9.24 6.52 -27.60
C VAL A 249 -10.04 5.30 -27.18
N ILE A 250 -10.02 4.97 -25.90
CA ILE A 250 -10.90 3.96 -25.36
C ILE A 250 -11.97 4.65 -24.53
N THR A 251 -13.23 4.46 -24.92
CA THR A 251 -14.31 5.21 -24.29
C THR A 251 -15.05 4.33 -23.28
N ILE A 252 -15.35 4.90 -22.10
CA ILE A 252 -15.86 4.10 -21.00
C ILE A 252 -17.01 4.88 -20.36
N GLY A 253 -18.16 4.20 -20.11
CA GLY A 253 -19.29 4.88 -19.50
C GLY A 253 -19.60 4.28 -18.14
N ASN A 254 -20.75 3.61 -18.01
CA ASN A 254 -21.11 3.13 -16.68
C ASN A 254 -20.16 2.04 -16.17
N GLU A 255 -19.21 1.60 -17.01
CA GLU A 255 -18.17 0.69 -16.55
C GLU A 255 -17.26 1.33 -15.51
N ARG A 256 -17.12 2.66 -15.52
CA ARG A 256 -16.33 3.35 -14.49
C ARG A 256 -16.79 2.96 -13.09
N PHE A 257 -18.09 2.91 -12.86
CA PHE A 257 -18.54 2.57 -11.51
C PHE A 257 -19.12 1.16 -11.41
N ARG A 258 -19.40 0.51 -12.54
CA ARG A 258 -19.83 -0.88 -12.42
C ARG A 258 -18.71 -1.75 -11.91
N CYS A 259 -17.46 -1.43 -12.27
CA CYS A 259 -16.34 -2.28 -11.88
C CYS A 259 -16.15 -2.30 -10.37
N PRO A 260 -15.85 -1.19 -9.68
CA PRO A 260 -15.72 -1.26 -8.21
C PRO A 260 -17.02 -1.52 -7.47
N GLU A 261 -18.19 -1.32 -8.10
CA GLU A 261 -19.44 -1.73 -7.46
C GLU A 261 -19.38 -3.17 -6.98
N THR A 262 -18.68 -4.05 -7.72
CA THR A 262 -18.43 -5.44 -7.33
C THR A 262 -18.04 -5.59 -5.86
N LEU A 263 -17.34 -4.61 -5.29
CA LEU A 263 -16.95 -4.73 -3.89
C LEU A 263 -18.19 -4.71 -3.00
N PHE A 264 -19.24 -3.98 -3.42
CA PHE A 264 -20.49 -3.92 -2.66
C PHE A 264 -21.51 -4.92 -3.17
N GLN A 265 -21.40 -5.36 -4.42
CA GLN A 265 -22.29 -6.39 -4.97
C GLN A 265 -21.43 -7.47 -5.59
N PRO A 266 -20.90 -8.39 -4.77
CA PRO A 266 -20.05 -9.46 -5.31
C PRO A 266 -20.76 -10.33 -6.33
N SER A 267 -22.08 -10.30 -6.38
CA SER A 267 -22.80 -11.03 -7.42
C SER A 267 -22.41 -10.59 -8.83
N PHE A 268 -21.79 -9.41 -9.00
CA PHE A 268 -21.47 -8.98 -10.36
C PHE A 268 -20.52 -9.97 -11.03
N ILE A 269 -19.66 -10.64 -10.25
CA ILE A 269 -18.73 -11.62 -10.80
C ILE A 269 -19.13 -13.04 -10.42
N GLY A 270 -20.41 -13.25 -10.11
CA GLY A 270 -20.92 -14.54 -9.69
C GLY A 270 -20.54 -14.97 -8.29
N MET A 271 -20.19 -14.06 -7.40
CA MET A 271 -19.87 -14.45 -6.03
C MET A 271 -21.10 -14.30 -5.16
N GLU A 272 -21.46 -15.40 -4.48
CA GLU A 272 -22.53 -15.39 -3.49
C GLU A 272 -21.90 -15.08 -2.14
N SER A 273 -21.58 -13.80 -1.96
CA SER A 273 -21.03 -13.30 -0.71
C SER A 273 -21.62 -11.93 -0.41
N ALA A 274 -21.50 -11.54 0.85
CA ALA A 274 -21.85 -10.19 1.25
C ALA A 274 -20.79 -9.21 0.80
N GLY A 275 -21.22 -8.01 0.42
CA GLY A 275 -20.32 -6.95 0.02
C GLY A 275 -19.48 -6.43 1.18
N ILE A 276 -18.65 -5.43 0.87
CA ILE A 276 -17.67 -5.02 1.89
C ILE A 276 -18.33 -4.27 3.03
N HIS A 277 -19.42 -3.53 2.75
CA HIS A 277 -20.15 -2.87 3.83
C HIS A 277 -20.76 -3.87 4.81
N GLU A 278 -21.33 -4.97 4.28
CA GLU A 278 -21.92 -6.00 5.13
C GLU A 278 -20.87 -6.75 5.94
N THR A 279 -19.73 -7.06 5.30
CA THR A 279 -18.65 -7.74 6.03
C THR A 279 -18.06 -6.85 7.11
N THR A 280 -18.07 -5.53 6.90
CA THR A 280 -17.67 -4.61 7.96
C THR A 280 -18.67 -4.65 9.12
N TYR A 281 -19.95 -4.49 8.80
CA TYR A 281 -20.98 -4.61 9.84
C TYR A 281 -20.89 -5.96 10.54
N ASN A 282 -20.74 -7.05 9.76
CA ASN A 282 -20.69 -8.37 10.37
C ASN A 282 -19.47 -8.51 11.28
N SER A 283 -18.36 -7.87 10.90
CA SER A 283 -17.16 -7.94 11.73
C SER A 283 -17.36 -7.20 13.05
N ILE A 284 -17.91 -5.99 13.00
CA ILE A 284 -18.17 -5.24 14.22
C ILE A 284 -19.12 -6.03 15.12
N MET A 285 -20.24 -6.50 14.56
CA MET A 285 -21.24 -7.25 15.31
C MET A 285 -20.69 -8.48 16.00
N LYS A 286 -19.55 -9.01 15.55
CA LYS A 286 -18.95 -10.15 16.22
C LYS A 286 -18.00 -9.75 17.35
N CYS A 287 -17.79 -8.45 17.56
CA CYS A 287 -17.04 -7.97 18.71
C CYS A 287 -18.00 -7.71 19.89
N ASP A 288 -17.43 -7.66 21.09
CA ASP A 288 -18.23 -7.41 22.28
C ASP A 288 -18.92 -6.05 22.19
N ILE A 289 -20.10 -5.97 22.81
CA ILE A 289 -20.92 -4.76 22.70
C ILE A 289 -20.16 -3.54 23.21
N ASP A 290 -19.27 -3.74 24.19
CA ASP A 290 -18.54 -2.63 24.81
C ASP A 290 -17.71 -1.84 23.82
N ILE A 291 -17.14 -2.50 22.80
CA ILE A 291 -16.16 -1.86 21.92
C ILE A 291 -16.71 -1.51 20.55
N ARG A 292 -17.93 -1.92 20.22
CA ARG A 292 -18.45 -1.63 18.88
C ARG A 292 -18.56 -0.14 18.63
N LYS A 293 -18.81 0.62 19.69
CA LYS A 293 -18.89 2.07 19.56
C LYS A 293 -17.59 2.65 19.03
N ASP A 294 -16.47 2.07 19.43
CA ASP A 294 -15.18 2.57 18.97
C ASP A 294 -14.89 2.16 17.54
N LEU A 295 -15.39 0.99 17.10
CA LEU A 295 -15.12 0.54 15.74
C LEU A 295 -16.01 1.27 14.73
N TYR A 296 -17.28 1.47 15.07
CA TYR A 296 -18.18 2.22 14.20
C TYR A 296 -17.63 3.60 13.88
N ALA A 297 -16.88 4.17 14.82
CA ALA A 297 -16.37 5.52 14.64
C ALA A 297 -14.95 5.55 14.07
N ASN A 298 -14.31 4.38 13.85
CA ASN A 298 -12.93 4.34 13.34
C ASN A 298 -12.77 3.24 12.27
N ASN A 299 -13.43 3.44 11.13
CA ASN A 299 -13.28 2.58 9.97
C ASN A 299 -12.13 3.11 9.12
N VAL A 300 -11.00 2.41 9.12
CA VAL A 300 -9.80 2.83 8.38
C VAL A 300 -9.65 1.97 7.12
N MET A 301 -9.56 2.63 5.97
CA MET A 301 -9.30 1.97 4.69
C MET A 301 -7.81 1.81 4.44
N SER A 302 -7.41 0.63 3.98
CA SER A 302 -6.06 0.49 3.49
C SER A 302 -6.04 -0.51 2.33
N GLY A 303 -5.01 -0.38 1.51
CA GLY A 303 -4.82 -1.26 0.38
C GLY A 303 -5.13 -0.56 -0.91
N GLY A 304 -4.56 -1.09 -2.00
CA GLY A 304 -4.70 -0.49 -3.30
C GLY A 304 -6.13 -0.37 -3.80
N THR A 305 -6.98 -1.35 -3.49
CA THR A 305 -8.36 -1.27 -3.95
C THR A 305 -9.26 -0.33 -3.12
N THR A 306 -8.80 0.21 -1.99
CA THR A 306 -9.59 1.25 -1.32
C THR A 306 -9.27 2.64 -1.86
N MET A 307 -8.73 2.73 -3.09
CA MET A 307 -8.26 3.97 -3.69
C MET A 307 -9.28 4.63 -4.62
N TYR A 308 -10.34 3.90 -5.03
CA TYR A 308 -11.35 4.47 -5.90
C TYR A 308 -11.96 5.73 -5.29
N PRO A 309 -12.00 6.85 -6.00
CA PRO A 309 -12.77 8.00 -5.51
C PRO A 309 -14.22 7.61 -5.24
N GLY A 310 -14.76 8.11 -4.12
CA GLY A 310 -16.14 7.87 -3.77
C GLY A 310 -16.37 6.73 -2.80
N ILE A 311 -15.35 5.92 -2.50
CA ILE A 311 -15.58 4.71 -1.73
C ILE A 311 -15.92 5.01 -0.26
N ALA A 312 -15.27 6.02 0.36
CA ALA A 312 -15.52 6.30 1.77
C ALA A 312 -16.92 6.84 1.98
N ASP A 313 -17.31 7.84 1.18
CA ASP A 313 -18.67 8.35 1.24
C ASP A 313 -19.68 7.23 1.05
N ARG A 314 -19.40 6.28 0.14
CA ARG A 314 -20.33 5.17 -0.04
C ARG A 314 -20.38 4.27 1.19
N MET A 315 -19.22 3.92 1.74
CA MET A 315 -19.16 3.13 2.97
C MET A 315 -19.92 3.83 4.11
N GLN A 316 -19.68 5.13 4.27
CA GLN A 316 -20.35 5.91 5.30
C GLN A 316 -21.87 5.77 5.19
N LYS A 317 -22.40 5.93 3.97
CA LYS A 317 -23.83 5.82 3.76
C LYS A 317 -24.33 4.41 4.05
N GLU A 318 -23.56 3.39 3.68
CA GLU A 318 -24.02 2.01 3.81
C GLU A 318 -23.90 1.51 5.24
N ILE A 319 -22.83 1.87 5.94
CA ILE A 319 -22.78 1.45 7.33
C ILE A 319 -23.77 2.23 8.17
N THR A 320 -24.04 3.50 7.81
CA THR A 320 -25.11 4.22 8.48
C THR A 320 -26.44 3.48 8.30
N ALA A 321 -26.69 2.91 7.13
CA ALA A 321 -27.97 2.23 6.91
C ALA A 321 -28.07 0.93 7.71
N LEU A 322 -26.94 0.32 8.08
CA LEU A 322 -26.94 -0.91 8.86
C LEU A 322 -26.69 -0.68 10.35
N ALA A 323 -26.17 0.50 10.75
CA ALA A 323 -25.78 0.77 12.12
C ALA A 323 -26.99 1.05 13.02
N PRO A 324 -26.88 0.79 14.30
CA PRO A 324 -27.95 1.19 15.24
C PRO A 324 -28.18 2.69 15.24
N SER A 325 -29.43 3.11 15.48
CA SER A 325 -29.73 4.53 15.66
C SER A 325 -28.85 5.15 16.76
N THR A 326 -28.48 6.42 16.56
CA THR A 326 -27.58 7.24 17.39
C THR A 326 -26.15 6.75 17.41
N MET A 327 -25.82 5.72 16.65
CA MET A 327 -24.43 5.30 16.54
C MET A 327 -23.68 6.30 15.67
N LYS A 328 -22.46 6.62 16.07
CA LYS A 328 -21.64 7.57 15.32
C LYS A 328 -20.78 6.75 14.36
N ILE A 329 -20.89 7.06 13.07
CA ILE A 329 -20.18 6.34 12.03
C ILE A 329 -19.17 7.27 11.39
N LYS A 330 -17.93 6.82 11.28
CA LYS A 330 -16.91 7.58 10.59
C LYS A 330 -16.07 6.64 9.73
N ILE A 331 -15.87 7.00 8.47
CA ILE A 331 -14.95 6.30 7.58
C ILE A 331 -13.74 7.20 7.34
N ILE A 332 -12.55 6.67 7.65
CA ILE A 332 -11.29 7.38 7.40
C ILE A 332 -10.57 6.67 6.25
N ALA A 333 -10.17 7.45 5.24
CA ALA A 333 -9.47 6.95 4.06
C ALA A 333 -8.19 7.78 3.92
N PRO A 334 -7.11 7.41 4.56
CA PRO A 334 -5.94 8.27 4.62
C PRO A 334 -5.37 8.45 3.21
N PRO A 335 -4.79 9.61 2.91
CA PRO A 335 -4.31 9.86 1.55
C PRO A 335 -3.29 8.84 1.07
N GLU A 336 -2.56 8.20 1.97
CA GLU A 336 -1.46 7.32 1.59
C GLU A 336 -1.83 5.83 1.66
N ARG A 337 -3.13 5.50 1.66
CA ARG A 337 -3.54 4.12 1.91
C ARG A 337 -3.04 3.13 0.85
N LYS A 338 -2.74 3.60 -0.37
CA LYS A 338 -2.17 2.70 -1.39
C LYS A 338 -1.03 1.88 -0.82
N TYR A 339 -0.15 2.51 -0.01
CA TYR A 339 1.06 1.91 0.55
C TYR A 339 1.11 2.00 2.07
N SER A 340 -0.04 2.10 2.74
CA SER A 340 -0.05 2.45 4.16
C SER A 340 0.64 1.39 5.02
N VAL A 341 0.48 0.11 4.67
CA VAL A 341 1.25 -0.94 5.34
C VAL A 341 2.73 -0.65 5.27
N TRP A 342 3.24 -0.40 4.05
CA TRP A 342 4.68 -0.27 3.87
C TRP A 342 5.20 0.98 4.57
N ILE A 343 4.50 2.10 4.41
CA ILE A 343 4.87 3.34 5.08
C ILE A 343 4.88 3.15 6.60
N GLY A 344 3.88 2.44 7.13
CA GLY A 344 3.91 2.13 8.55
C GLY A 344 5.17 1.38 8.94
N GLY A 345 5.53 0.36 8.16
CA GLY A 345 6.75 -0.37 8.46
C GLY A 345 7.99 0.47 8.28
N SER A 346 7.93 1.45 7.39
CA SER A 346 9.05 2.37 7.22
C SER A 346 9.25 3.22 8.47
N ILE A 347 8.15 3.61 9.11
CA ILE A 347 8.25 4.39 10.33
C ILE A 347 8.77 3.50 11.46
N LEU A 348 8.20 2.30 11.58
CA LEU A 348 8.53 1.41 12.67
C LEU A 348 10.02 1.09 12.68
N ALA A 349 10.53 0.56 11.54
CA ALA A 349 11.93 0.16 11.46
C ALA A 349 12.87 1.34 11.50
N SER A 350 12.36 2.56 11.49
CA SER A 350 13.19 3.76 11.48
CA SER A 350 13.19 3.76 11.49
C SER A 350 13.13 4.52 12.80
N LEU A 351 12.34 4.04 13.77
CA LEU A 351 12.14 4.70 15.06
C LEU A 351 13.13 4.20 16.10
N SER A 352 13.89 5.13 16.70
CA SER A 352 14.79 4.79 17.81
C SER A 352 14.09 3.91 18.87
N THR A 353 12.82 4.17 19.14
CA THR A 353 12.16 3.47 20.24
C THR A 353 11.95 1.98 19.95
N PHE A 354 12.09 1.54 18.68
CA PHE A 354 11.73 0.18 18.26
C PHE A 354 12.91 -0.78 18.19
N GLN A 355 14.14 -0.27 18.17
CA GLN A 355 15.31 -1.13 18.05
C GLN A 355 15.29 -2.27 19.08
N GLN A 356 14.53 -2.11 20.17
CA GLN A 356 14.52 -3.12 21.23
C GLN A 356 14.09 -4.48 20.69
N MET A 357 13.06 -4.47 19.85
CA MET A 357 12.38 -5.69 19.44
C MET A 357 12.84 -6.18 18.07
N TRP A 358 13.84 -5.54 17.45
CA TRP A 358 14.67 -6.23 16.46
C TRP A 358 15.13 -7.57 17.02
N ILE A 359 14.92 -8.63 16.26
CA ILE A 359 15.44 -9.95 16.62
C ILE A 359 16.77 -10.09 15.93
N THR A 360 17.85 -10.14 16.72
CA THR A 360 19.17 -10.36 16.15
C THR A 360 19.41 -11.84 15.89
N LYS A 361 20.37 -12.10 15.00
CA LYS A 361 20.79 -13.47 14.67
C LYS A 361 21.20 -14.24 15.93
N GLN A 362 21.74 -13.53 16.91
CA GLN A 362 22.15 -14.14 18.17
C GLN A 362 21.01 -14.92 18.83
N GLU A 363 19.86 -14.26 19.00
CA GLU A 363 18.75 -14.91 19.70
C GLU A 363 18.21 -16.08 18.90
N TYR A 364 18.11 -15.94 17.58
CA TYR A 364 17.65 -17.05 16.74
C TYR A 364 18.60 -18.24 16.85
N ASP A 365 19.89 -17.98 17.06
CA ASP A 365 20.83 -19.08 17.26
C ASP A 365 20.52 -19.84 18.55
N GLU A 366 20.06 -19.13 19.57
CA GLU A 366 19.76 -19.70 20.88
C GLU A 366 18.35 -20.29 20.93
N ALA A 367 17.32 -19.46 20.70
CA ALA A 367 15.94 -19.87 20.89
C ALA A 367 15.36 -20.58 19.68
N GLY A 368 15.98 -20.45 18.51
CA GLY A 368 15.45 -21.01 17.30
C GLY A 368 14.42 -20.09 16.68
N PRO A 369 13.67 -20.59 15.71
CA PRO A 369 12.63 -19.77 15.09
C PRO A 369 11.51 -19.39 16.04
N SER A 370 11.35 -20.09 17.17
CA SER A 370 10.20 -19.86 18.03
C SER A 370 10.26 -18.52 18.77
N ILE A 371 11.39 -17.81 18.75
CA ILE A 371 11.47 -16.54 19.46
C ILE A 371 10.61 -15.45 18.81
N VAL A 372 10.20 -15.65 17.55
CA VAL A 372 9.48 -14.59 16.82
C VAL A 372 8.14 -14.30 17.48
N HIS A 373 7.46 -15.33 18.02
CA HIS A 373 6.17 -15.09 18.66
C HIS A 373 6.30 -14.24 19.91
N ARG A 374 7.51 -14.18 20.48
CA ARG A 374 7.71 -13.58 21.80
C ARG A 374 8.13 -12.11 21.68
N ARG B 4 -2.84 22.45 33.14
CA ARG B 4 -1.98 21.46 32.52
C ARG B 4 -1.48 20.40 33.51
N GLU B 5 -2.40 19.77 34.23
CA GLU B 5 -2.07 18.71 35.18
C GLU B 5 -1.49 17.45 34.53
N PRO B 6 -2.02 16.96 33.40
CA PRO B 6 -1.52 15.70 32.82
C PRO B 6 -0.21 15.84 32.07
N THR B 7 0.51 14.71 32.01
CA THR B 7 1.83 14.66 31.38
C THR B 7 1.69 14.51 29.87
N VAL B 8 2.28 15.43 29.12
CA VAL B 8 2.13 15.45 27.67
C VAL B 8 3.47 15.24 27.00
N TYR B 9 3.49 14.35 26.00
CA TYR B 9 4.64 14.10 25.15
C TYR B 9 4.36 14.65 23.76
N HIS B 10 5.14 15.65 23.36
CA HIS B 10 5.01 16.28 22.06
C HIS B 10 5.86 15.51 21.04
N ILE B 11 5.22 15.06 19.96
CA ILE B 11 5.93 14.37 18.88
C ILE B 11 6.80 15.36 18.12
N GLN B 12 8.12 15.14 18.14
CA GLN B 12 9.07 15.92 17.34
C GLN B 12 10.09 14.97 16.73
N LYS B 13 10.05 14.84 15.41
CA LYS B 13 11.08 14.16 14.60
C LYS B 13 11.37 12.74 15.12
N GLY B 14 10.32 11.92 15.13
CA GLY B 14 10.45 10.54 15.54
C GLY B 14 10.82 10.29 16.99
N ARG B 15 10.78 11.30 17.87
CA ARG B 15 10.97 11.12 19.31
C ARG B 15 9.86 11.84 20.09
N LEU B 16 9.68 11.41 21.34
CA LEU B 16 8.71 12.03 22.24
C LEU B 16 9.45 12.95 23.20
N VAL B 17 9.25 14.25 23.07
CA VAL B 17 9.79 15.22 24.02
C VAL B 17 8.67 15.65 24.97
N LYS B 18 8.85 15.45 26.27
CA LYS B 18 7.82 15.83 27.23
C LYS B 18 7.94 17.31 27.56
N MET B 19 6.82 18.01 27.48
CA MET B 19 6.83 19.45 27.65
C MET B 19 6.89 19.79 29.13
N LYS B 20 7.54 20.92 29.44
CA LYS B 20 7.52 21.42 30.81
C LYS B 20 6.22 22.12 31.15
N ASP B 21 5.48 22.60 30.14
CA ASP B 21 4.23 23.31 30.36
C ASP B 21 3.22 22.97 29.28
N PRO B 22 2.47 21.88 29.45
CA PRO B 22 1.48 21.48 28.43
C PRO B 22 0.34 22.48 28.32
N GLY B 23 -0.48 22.32 27.29
CA GLY B 23 -1.64 23.18 27.17
C GLY B 23 -1.94 23.65 25.75
N ALA B 24 -0.92 24.14 25.08
CA ALA B 24 -1.05 24.55 23.69
C ALA B 24 -0.78 23.35 22.78
N PHE B 25 -1.55 23.24 21.70
CA PHE B 25 -1.45 22.12 20.78
C PHE B 25 -1.34 22.64 19.36
N GLY B 26 -0.28 22.24 18.65
CA GLY B 26 -0.07 22.68 17.28
C GLY B 26 -0.83 21.82 16.28
N ARG B 27 -1.54 22.50 15.36
CA ARG B 27 -2.38 21.80 14.39
C ARG B 27 -1.57 20.88 13.48
N GLY B 28 -0.30 21.21 13.25
CA GLY B 28 0.49 20.33 12.42
C GLY B 28 1.13 19.15 13.13
N ASP B 29 0.89 18.94 14.42
CA ASP B 29 1.68 17.99 15.20
C ASP B 29 0.78 16.99 15.93
N CYS B 30 1.42 16.11 16.70
CA CYS B 30 0.77 15.04 17.43
C CYS B 30 1.35 15.01 18.83
N TYR B 31 0.51 14.58 19.78
CA TYR B 31 0.85 14.64 21.19
C TYR B 31 0.30 13.40 21.86
N LEU B 32 1.00 12.93 22.89
CA LEU B 32 0.49 11.84 23.71
C LEU B 32 0.19 12.39 25.08
N VAL B 33 -1.09 12.43 25.43
CA VAL B 33 -1.53 12.93 26.73
C VAL B 33 -1.66 11.74 27.66
N ASP B 34 -0.74 11.65 28.61
CA ASP B 34 -0.70 10.60 29.59
C ASP B 34 -1.34 11.09 30.89
N ALA B 35 -2.50 10.55 31.23
CA ALA B 35 -3.21 10.91 32.46
C ALA B 35 -3.53 9.67 33.27
N GLY B 36 -2.54 8.79 33.41
CA GLY B 36 -2.65 7.61 34.23
C GLY B 36 -3.45 6.51 33.57
N MET B 37 -4.66 6.26 34.08
CA MET B 37 -5.50 5.22 33.52
C MET B 37 -6.22 5.65 32.23
N LYS B 38 -6.04 6.88 31.79
CA LYS B 38 -6.56 7.34 30.51
C LYS B 38 -5.40 7.91 29.70
N ILE B 39 -5.33 7.51 28.44
CA ILE B 39 -4.25 7.91 27.54
C ILE B 39 -4.90 8.49 26.29
N TYR B 40 -4.53 9.71 25.94
CA TYR B 40 -5.11 10.41 24.81
C TYR B 40 -4.08 10.56 23.69
N LEU B 41 -4.48 10.21 22.47
CA LEU B 41 -3.78 10.61 21.27
C LEU B 41 -4.46 11.87 20.75
N TRP B 42 -3.76 12.99 20.88
CA TRP B 42 -4.15 14.23 20.20
C TRP B 42 -3.47 14.23 18.84
N ILE B 43 -4.26 14.19 17.77
CA ILE B 43 -3.79 14.11 16.40
C ILE B 43 -4.15 15.41 15.69
N GLY B 44 -3.14 16.18 15.28
CA GLY B 44 -3.39 17.42 14.58
C GLY B 44 -3.93 17.14 13.19
N PRO B 45 -4.79 18.02 12.67
CA PRO B 45 -5.39 17.75 11.36
C PRO B 45 -4.39 17.90 10.22
N LYS B 46 -3.27 18.58 10.42
CA LYS B 46 -2.26 18.69 9.37
C LYS B 46 -0.99 17.91 9.69
N SER B 47 -1.02 17.07 10.70
CA SER B 47 0.13 16.24 11.04
C SER B 47 0.40 15.21 9.93
N THR B 48 1.61 14.67 9.93
CA THR B 48 2.04 13.71 8.93
C THR B 48 1.99 12.30 9.50
N VAL B 49 2.15 11.32 8.59
CA VAL B 49 1.91 9.92 8.92
C VAL B 49 2.91 9.37 9.93
N ASP B 50 4.17 9.81 9.88
CA ASP B 50 5.16 9.44 10.89
C ASP B 50 4.75 9.92 12.29
N GLU B 51 4.07 11.06 12.37
CA GLU B 51 3.72 11.56 13.70
C GLU B 51 2.54 10.80 14.27
N LYS B 52 1.49 10.62 13.46
CA LYS B 52 0.35 9.83 13.90
C LYS B 52 0.80 8.43 14.31
N PHE B 53 1.81 7.88 13.61
CA PHE B 53 2.22 6.49 13.86
C PHE B 53 2.89 6.34 15.22
N LEU B 54 3.84 7.21 15.54
CA LEU B 54 4.56 7.09 16.80
C LEU B 54 3.61 7.32 17.98
N THR B 55 2.69 8.26 17.82
CA THR B 55 1.69 8.50 18.84
C THR B 55 0.91 7.23 19.17
N ALA B 56 0.39 6.54 18.14
CA ALA B 56 -0.41 5.34 18.37
C ALA B 56 0.42 4.20 18.93
N ALA B 57 1.59 3.96 18.33
CA ALA B 57 2.45 2.86 18.78
C ALA B 57 2.92 3.10 20.21
N THR B 58 3.25 4.34 20.54
CA THR B 58 3.75 4.62 21.88
C THR B 58 2.65 4.43 22.92
N ALA B 59 1.43 4.78 22.55
CA ALA B 59 0.31 4.62 23.47
C ALA B 59 0.15 3.17 23.88
N VAL B 60 0.12 2.25 22.90
CA VAL B 60 -0.04 0.83 23.20
C VAL B 60 1.12 0.35 24.06
N MET B 61 2.32 0.86 23.80
CA MET B 61 3.47 0.53 24.65
C MET B 61 3.26 1.04 26.07
N SER B 62 2.81 2.28 26.20
CA SER B 62 2.46 2.82 27.51
C SER B 62 1.35 2.00 28.15
N ASP B 63 0.34 1.61 27.37
CA ASP B 63 -0.78 0.84 27.93
C ASP B 63 -0.32 -0.55 28.37
N GLN B 64 0.40 -1.27 27.51
CA GLN B 64 0.93 -2.56 27.92
C GLN B 64 2.01 -2.44 28.99
N SER B 65 2.57 -1.24 29.17
CA SER B 65 3.49 -1.01 30.29
C SER B 65 2.72 -1.07 31.60
N ARG B 66 1.46 -0.69 31.59
CA ARG B 66 0.63 -0.65 32.78
C ARG B 66 -0.40 -1.76 32.75
N GLU B 67 0.06 -2.95 32.35
CA GLU B 67 -0.75 -4.18 32.27
C GLU B 67 -2.09 -3.95 31.54
N GLY B 68 -2.11 -3.05 30.57
CA GLY B 68 -3.28 -2.87 29.74
C GLY B 68 -4.46 -2.21 30.40
N LYS B 69 -4.36 -1.86 31.69
CA LYS B 69 -5.50 -1.28 32.41
C LYS B 69 -5.88 0.10 31.90
N ALA B 70 -4.95 0.82 31.28
CA ALA B 70 -5.25 2.16 30.82
C ALA B 70 -6.24 2.13 29.68
N ASP B 71 -6.95 3.24 29.52
CA ASP B 71 -7.95 3.42 28.49
C ASP B 71 -7.37 4.39 27.46
N ILE B 72 -7.21 3.94 26.20
CA ILE B 72 -6.70 4.78 25.13
C ILE B 72 -7.89 5.42 24.44
N ASP B 73 -7.81 6.72 24.20
CA ASP B 73 -8.79 7.41 23.37
C ASP B 73 -8.06 8.27 22.36
N ARG B 74 -8.74 8.60 21.28
CA ARG B 74 -8.21 9.48 20.26
C ARG B 74 -8.99 10.78 20.27
N ILE B 75 -8.26 11.89 20.19
CA ILE B 75 -8.84 13.22 20.08
C ILE B 75 -8.42 13.79 18.73
N ASP B 76 -9.41 14.21 17.97
CA ASP B 76 -9.10 14.94 16.75
C ASP B 76 -8.87 16.39 17.12
N GLY B 77 -7.72 16.92 16.75
CA GLY B 77 -7.42 18.30 17.08
C GLY B 77 -8.40 19.23 16.40
N GLY B 78 -8.85 20.24 17.15
CA GLY B 78 -9.84 21.17 16.68
C GLY B 78 -11.26 20.73 16.89
N ASN B 79 -11.47 19.51 17.36
CA ASN B 79 -12.80 19.06 17.77
C ASN B 79 -12.72 18.35 19.12
N GLU B 80 -11.96 18.96 20.04
CA GLU B 80 -11.72 18.36 21.33
C GLU B 80 -12.98 18.39 22.19
N PRO B 81 -13.22 17.36 22.98
CA PRO B 81 -14.34 17.37 23.93
C PRO B 81 -14.04 18.29 25.09
N ALA B 82 -15.09 18.93 25.61
CA ALA B 82 -14.91 19.91 26.68
C ALA B 82 -14.12 19.35 27.84
N GLU B 83 -14.42 18.11 28.24
CA GLU B 83 -13.68 17.51 29.36
C GLU B 83 -12.18 17.37 29.03
N PHE B 84 -11.82 17.18 27.75
CA PHE B 84 -10.40 17.17 27.41
C PHE B 84 -9.77 18.54 27.65
N LYS B 85 -10.37 19.60 27.11
CA LYS B 85 -9.81 20.94 27.28
C LYS B 85 -9.69 21.33 28.75
N ALA B 86 -10.65 20.93 29.59
CA ALA B 86 -10.57 21.38 30.97
C ALA B 86 -9.44 20.69 31.72
N LEU B 87 -8.85 19.64 31.15
CA LEU B 87 -7.64 19.05 31.72
C LEU B 87 -6.50 20.05 31.88
N PHE B 88 -6.52 21.14 31.13
CA PHE B 88 -5.42 22.09 31.07
C PHE B 88 -5.88 23.43 31.63
N ASP B 89 -4.95 24.13 32.30
CA ASP B 89 -5.25 25.42 32.90
C ASP B 89 -5.87 26.36 31.88
N ASP B 90 -5.22 26.54 30.73
CA ASP B 90 -5.90 27.18 29.60
C ASP B 90 -5.37 26.58 28.30
N PHE B 91 -6.13 25.61 27.80
CA PHE B 91 -5.88 24.93 26.56
C PHE B 91 -6.02 25.90 25.39
N CYS B 92 -5.24 25.65 24.33
CA CYS B 92 -5.42 26.41 23.11
C CYS B 92 -4.87 25.65 21.92
N LEU B 93 -5.15 26.18 20.73
CA LEU B 93 -4.67 25.61 19.49
C LEU B 93 -3.74 26.60 18.81
N THR B 94 -2.64 26.07 18.24
CA THR B 94 -1.66 26.85 17.49
C THR B 94 -1.38 26.16 16.15
N ASP B 95 -0.63 26.85 15.30
CA ASP B 95 -0.27 26.39 13.96
C ASP B 95 1.13 25.80 13.89
N GLU B 96 1.72 25.45 15.04
CA GLU B 96 3.05 24.85 15.05
C GLU B 96 3.04 23.55 14.25
N ASP B 97 4.14 23.30 13.53
CA ASP B 97 4.28 22.09 12.74
C ASP B 97 5.75 21.70 12.71
N THR B 98 6.13 20.71 13.51
CA THR B 98 7.45 20.11 13.42
C THR B 98 7.49 19.19 12.21
N GLU B 99 8.52 19.35 11.36
CA GLU B 99 8.57 18.56 10.14
C GLU B 99 8.71 17.07 10.48
N GLY B 100 8.20 16.23 9.57
CA GLY B 100 8.33 14.79 9.70
C GLY B 100 9.72 14.25 9.35
N ILE B 101 9.90 12.96 9.67
CA ILE B 101 11.18 12.29 9.49
C ILE B 101 11.30 11.62 8.11
N LEU B 102 10.19 11.18 7.53
CA LEU B 102 10.23 10.44 6.27
C LEU B 102 10.67 11.33 5.12
N LYS B 103 11.60 10.80 4.32
CA LYS B 103 12.20 11.54 3.22
C LYS B 103 11.72 11.00 1.89
N LYS B 104 11.57 11.93 0.94
CA LYS B 104 11.42 11.57 -0.47
C LYS B 104 12.66 10.83 -0.96
N VAL B 105 12.46 9.77 -1.71
CA VAL B 105 13.57 9.00 -2.25
C VAL B 105 14.22 9.75 -3.39
N GLN B 106 15.55 9.77 -3.41
CA GLN B 106 16.30 10.47 -4.45
C GLN B 106 17.34 9.54 -5.02
N MET B 107 17.50 9.59 -6.34
CA MET B 107 18.39 8.68 -7.02
C MET B 107 19.53 9.46 -7.66
N GLU B 108 20.75 9.00 -7.40
CA GLU B 108 21.88 9.48 -8.18
C GLU B 108 21.78 8.89 -9.57
N THR B 109 22.36 9.60 -10.56
CA THR B 109 22.36 9.15 -11.94
C THR B 109 22.85 7.70 -12.08
N HIS B 110 23.87 7.31 -11.32
CA HIS B 110 24.40 5.98 -11.48
C HIS B 110 23.45 4.89 -10.97
N GLU B 111 22.34 5.27 -10.33
CA GLU B 111 21.33 4.32 -9.90
C GLU B 111 20.25 4.10 -10.96
N HIS B 112 20.24 4.93 -11.98
CA HIS B 112 19.25 4.82 -13.05
C HIS B 112 19.35 3.46 -13.76
N ARG B 113 18.24 3.03 -14.36
CA ARG B 113 18.22 1.75 -15.03
C ARG B 113 17.64 1.89 -16.44
N LEU B 114 18.32 1.27 -17.40
CA LEU B 114 17.97 1.33 -18.81
C LEU B 114 17.45 -0.03 -19.23
N TRP B 115 16.40 -0.05 -20.08
CA TRP B 115 15.65 -1.27 -20.39
C TRP B 115 15.31 -1.32 -21.86
N ARG B 116 15.59 -2.44 -22.51
CA ARG B 116 15.30 -2.61 -23.92
C ARG B 116 13.93 -3.23 -24.13
N VAL B 117 13.19 -2.69 -25.09
CA VAL B 117 11.84 -3.15 -25.38
C VAL B 117 11.89 -3.60 -26.85
N HIS B 118 11.79 -4.91 -27.06
CA HIS B 118 11.98 -5.52 -28.37
C HIS B 118 10.91 -6.59 -28.57
N ARG B 119 10.22 -6.53 -29.70
CA ARG B 119 9.16 -7.49 -30.01
C ARG B 119 9.52 -8.26 -31.29
N GLU B 120 9.73 -9.57 -31.15
CA GLU B 120 10.19 -10.38 -32.29
C GLU B 120 9.09 -10.63 -33.32
N GLY B 121 7.83 -10.63 -32.89
CA GLY B 121 6.70 -10.89 -33.77
C GLY B 121 5.53 -11.48 -33.00
N ASP B 122 5.86 -12.20 -31.94
CA ASP B 122 4.93 -12.84 -31.02
C ASP B 122 4.81 -12.13 -29.67
N GLU B 123 5.93 -11.77 -29.03
CA GLU B 123 5.89 -11.28 -27.65
C GLU B 123 6.83 -10.11 -27.46
N THR B 124 6.54 -9.28 -26.46
CA THR B 124 7.34 -8.08 -26.19
C THR B 124 8.30 -8.37 -25.05
N PHE B 125 9.59 -8.24 -25.35
CA PHE B 125 10.67 -8.44 -24.39
C PHE B 125 10.96 -7.15 -23.64
N PHE B 126 11.28 -7.31 -22.37
CA PHE B 126 11.73 -6.22 -21.52
CA PHE B 126 11.68 -6.21 -21.49
C PHE B 126 12.90 -6.71 -20.72
N ALA B 127 14.08 -6.16 -21.03
CA ALA B 127 15.33 -6.64 -20.47
C ALA B 127 16.11 -5.46 -19.92
N GLU B 128 16.91 -5.72 -18.89
CA GLU B 128 17.82 -4.69 -18.43
C GLU B 128 19.10 -4.75 -19.23
N VAL B 129 19.62 -3.57 -19.56
CA VAL B 129 20.85 -3.42 -20.34
C VAL B 129 21.79 -2.53 -19.55
N ASP B 130 23.08 -2.66 -19.84
CA ASP B 130 24.07 -1.85 -19.15
C ASP B 130 23.71 -0.37 -19.27
N LEU B 131 23.89 0.38 -18.18
CA LEU B 131 23.49 1.78 -18.18
C LEU B 131 24.50 2.66 -18.91
N ASN B 132 24.28 2.92 -20.19
CA ASN B 132 25.16 3.77 -21.00
C ASN B 132 24.50 4.04 -22.35
N LYS B 133 24.78 5.24 -22.88
CA LYS B 133 24.41 5.60 -24.25
C LYS B 133 24.75 4.52 -25.25
N ASN B 134 25.84 3.79 -25.02
CA ASN B 134 26.29 2.78 -26.00
C ASN B 134 25.41 1.52 -26.00
N SER B 135 24.32 1.53 -25.25
CA SER B 135 23.36 0.44 -25.20
C SER B 135 22.10 0.71 -26.01
N LEU B 136 21.85 1.96 -26.42
CA LEU B 136 20.66 2.32 -27.19
C LEU B 136 20.84 1.92 -28.65
N LYS B 137 20.23 0.80 -29.02
CA LYS B 137 20.28 0.33 -30.40
C LYS B 137 19.10 0.90 -31.17
N SER B 138 19.37 1.27 -32.42
CA SER B 138 18.41 1.95 -33.27
C SER B 138 17.19 1.10 -33.62
N ASP B 139 17.27 -0.22 -33.45
CA ASP B 139 16.19 -1.11 -33.88
C ASP B 139 15.11 -1.32 -32.82
N ASP B 140 15.36 -0.96 -31.56
CA ASP B 140 14.40 -1.22 -30.50
C ASP B 140 14.04 0.08 -29.80
N VAL B 141 13.15 -0.04 -28.82
CA VAL B 141 12.80 1.04 -27.93
C VAL B 141 13.48 0.76 -26.60
N TYR B 142 14.01 1.81 -25.98
CA TYR B 142 14.70 1.69 -24.70
C TYR B 142 14.05 2.62 -23.68
N LEU B 143 13.78 2.10 -22.49
CA LEU B 143 13.14 2.85 -21.43
C LEU B 143 14.18 3.20 -20.37
N LEU B 144 14.40 4.49 -20.17
CA LEU B 144 15.34 4.94 -19.16
C LEU B 144 14.56 5.33 -17.91
N ASP B 145 14.77 4.56 -16.84
CA ASP B 145 14.18 4.84 -15.54
C ASP B 145 15.12 5.79 -14.79
N ALA B 146 14.75 7.06 -14.72
CA ALA B 146 15.50 8.08 -14.00
C ALA B 146 14.75 8.50 -12.73
N TRP B 147 14.14 7.52 -12.06
CA TRP B 147 13.32 7.69 -10.87
C TRP B 147 12.21 8.72 -11.06
N ASP B 148 12.56 10.01 -10.94
CA ASP B 148 11.58 11.08 -11.15
C ASP B 148 11.22 11.25 -12.63
N ASP B 149 12.12 10.91 -13.54
CA ASP B 149 11.83 11.01 -14.97
C ASP B 149 11.86 9.63 -15.61
N ILE B 150 10.97 9.40 -16.55
CA ILE B 150 10.98 8.20 -17.36
C ILE B 150 11.09 8.64 -18.81
N TRP B 151 12.15 8.20 -19.49
CA TRP B 151 12.36 8.49 -20.91
C TRP B 151 12.08 7.25 -21.75
N VAL B 152 11.25 7.41 -22.77
CA VAL B 152 11.05 6.37 -23.78
C VAL B 152 11.85 6.76 -25.02
N TRP B 153 12.94 6.05 -25.24
CA TRP B 153 13.81 6.29 -26.37
C TRP B 153 13.41 5.37 -27.52
N ARG B 154 12.97 5.96 -28.63
CA ARG B 154 12.51 5.22 -29.79
C ARG B 154 13.59 5.25 -30.86
N GLY B 155 14.28 4.12 -31.02
CA GLY B 155 15.20 3.98 -32.13
C GLY B 155 14.56 4.27 -33.48
N LYS B 156 15.41 4.76 -34.41
CA LYS B 156 15.01 5.05 -35.78
C LYS B 156 14.37 3.86 -36.49
N ASP B 157 14.67 2.62 -36.07
CA ASP B 157 14.12 1.46 -36.75
C ASP B 157 13.21 0.61 -35.85
N ALA B 158 12.71 1.17 -34.76
CA ALA B 158 11.82 0.42 -33.91
C ALA B 158 10.46 0.23 -34.59
N THR B 159 9.77 -0.83 -34.20
CA THR B 159 8.40 -1.05 -34.65
C THR B 159 7.44 -0.10 -33.95
N ALA B 160 6.36 0.24 -34.66
CA ALA B 160 5.28 1.02 -34.06
C ALA B 160 4.78 0.40 -32.75
N ARG B 161 4.78 -0.93 -32.67
CA ARG B 161 4.29 -1.59 -31.46
C ARG B 161 5.30 -1.58 -30.33
N GLU B 162 6.60 -1.51 -30.65
CA GLU B 162 7.57 -1.35 -29.58
C GLU B 162 7.50 0.04 -28.97
N LYS B 163 7.12 1.05 -29.77
CA LYS B 163 6.97 2.40 -29.26
C LYS B 163 5.68 2.52 -28.47
N PHE B 164 4.62 1.88 -28.97
CA PHE B 164 3.38 1.75 -28.22
C PHE B 164 3.62 1.06 -26.89
N ASP B 165 4.15 -0.15 -26.91
CA ASP B 165 4.28 -0.89 -25.65
C ASP B 165 5.20 -0.17 -24.68
N GLY B 166 6.39 0.25 -25.15
CA GLY B 166 7.31 0.97 -24.28
C GLY B 166 6.69 2.22 -23.65
N ASN B 167 5.87 2.95 -24.41
CA ASN B 167 5.13 4.05 -23.84
C ASN B 167 4.24 3.60 -22.69
N ILE B 168 3.49 2.49 -22.88
CA ILE B 168 2.59 2.19 -21.78
CA ILE B 168 2.57 1.99 -21.85
C ILE B 168 3.33 1.54 -20.60
N LEU B 169 4.49 0.90 -20.78
CA LEU B 169 5.12 0.51 -19.51
C LEU B 169 5.72 1.70 -18.78
N ALA B 170 5.94 2.81 -19.49
CA ALA B 170 6.29 4.08 -18.83
C ALA B 170 5.12 4.59 -18.00
N ARG B 171 3.89 4.49 -18.55
CA ARG B 171 2.70 4.88 -17.82
C ARG B 171 2.56 4.07 -16.53
N ARG B 172 2.92 2.79 -16.57
CA ARG B 172 2.84 1.98 -15.36
C ARG B 172 3.95 2.31 -14.36
N TYR B 173 5.14 2.71 -14.83
CA TYR B 173 6.14 3.25 -13.90
C TYR B 173 5.54 4.42 -13.12
N ASP B 174 4.89 5.33 -13.82
CA ASP B 174 4.32 6.50 -13.18
C ASP B 174 3.17 6.12 -12.25
N ALA B 175 2.40 5.07 -12.57
CA ALA B 175 1.31 4.64 -11.70
C ALA B 175 1.82 4.07 -10.37
N GLU B 176 2.90 3.28 -10.44
CA GLU B 176 3.51 2.67 -9.25
C GLU B 176 3.98 3.72 -8.25
N ARG B 177 4.54 4.80 -8.77
CA ARG B 177 5.40 5.68 -8.00
C ARG B 177 4.63 6.90 -7.51
N VAL B 178 4.86 7.23 -6.24
CA VAL B 178 4.21 8.37 -5.62
C VAL B 178 4.66 9.65 -6.30
N GLY B 179 3.80 10.67 -6.27
CA GLY B 179 4.14 11.93 -6.89
C GLY B 179 3.92 11.90 -8.39
N VAL B 180 4.48 12.90 -9.06
CA VAL B 180 4.34 13.07 -10.49
C VAL B 180 5.67 12.72 -11.17
N GLN B 181 5.65 11.75 -12.07
CA GLN B 181 6.80 11.41 -12.90
C GLN B 181 6.57 11.95 -14.31
N GLU B 182 7.57 12.61 -14.86
CA GLU B 182 7.47 13.10 -16.24
C GLU B 182 7.92 12.01 -17.19
N ILE B 183 7.01 11.54 -18.02
CA ILE B 183 7.37 10.61 -19.07
C ILE B 183 7.71 11.44 -20.31
N GLU B 184 8.88 11.17 -20.89
CA GLU B 184 9.36 11.89 -22.06
C GLU B 184 9.63 10.92 -23.21
N ILE B 185 8.86 11.08 -24.29
CA ILE B 185 9.06 10.34 -25.53
C ILE B 185 10.14 11.07 -26.31
N ILE B 186 11.24 10.41 -26.60
CA ILE B 186 12.27 11.07 -27.38
C ILE B 186 12.60 10.24 -28.60
N GLU B 187 12.92 10.94 -29.67
CA GLU B 187 13.34 10.36 -30.94
C GLU B 187 14.85 10.24 -30.99
N GLU B 188 15.33 9.15 -31.58
CA GLU B 188 16.76 9.04 -31.87
C GLU B 188 17.20 10.18 -32.78
N GLY B 189 18.31 10.84 -32.42
CA GLY B 189 18.79 12.00 -33.13
C GLY B 189 18.13 13.31 -32.75
N GLN B 190 17.15 13.29 -31.85
CA GLN B 190 16.46 14.49 -31.36
C GLN B 190 16.39 14.51 -29.84
N GLU B 191 17.28 13.81 -29.16
CA GLU B 191 17.11 13.69 -27.72
C GLU B 191 17.77 14.85 -27.00
N PRO B 192 17.10 15.45 -26.02
CA PRO B 192 17.62 16.66 -25.40
C PRO B 192 18.85 16.41 -24.54
N GLU B 193 19.57 17.50 -24.29
CA GLU B 193 20.69 17.48 -23.36
C GLU B 193 20.35 16.79 -22.05
N GLU B 194 19.16 17.10 -21.48
CA GLU B 194 18.78 16.57 -20.18
C GLU B 194 18.70 15.05 -20.17
N PHE B 195 18.37 14.42 -21.30
CA PHE B 195 18.34 12.96 -21.36
C PHE B 195 19.75 12.38 -21.24
N PHE B 196 20.68 12.89 -22.03
CA PHE B 196 22.05 12.37 -22.01
C PHE B 196 22.74 12.59 -20.68
N LYS B 197 22.32 13.63 -19.93
CA LYS B 197 22.85 13.84 -18.59
C LYS B 197 22.37 12.80 -17.59
N SER B 198 21.28 12.09 -17.88
CA SER B 198 20.77 11.11 -16.92
C SER B 198 21.57 9.81 -16.91
N PHE B 199 22.58 9.71 -17.71
CA PHE B 199 23.60 8.68 -17.57
C PHE B 199 24.75 9.24 -16.75
N PRO B 200 25.46 8.41 -15.97
CA PRO B 200 26.60 8.82 -15.14
C PRO B 200 27.70 9.58 -15.91
CA CA C . -1.51 -6.47 1.33
PG ATP D . -3.50 -8.46 -0.80
O1G ATP D . -2.68 -9.59 -0.22
O2G ATP D . -4.85 -8.87 -1.34
O3G ATP D . -3.54 -7.21 0.09
PB ATP D . -1.64 -6.76 -2.20
O1B ATP D . -0.77 -7.16 -3.40
O2B ATP D . -0.95 -6.35 -0.92
O3B ATP D . -2.72 -7.96 -2.12
PA ATP D . -2.04 -3.99 -2.61
O1A ATP D . -2.58 -3.31 -1.37
O2A ATP D . -0.56 -3.94 -2.84
O3A ATP D . -2.55 -5.52 -2.69
O5' ATP D . -2.88 -3.39 -3.85
C5' ATP D . -2.67 -3.82 -5.18
C4' ATP D . -3.97 -3.70 -5.94
O4' ATP D . -4.54 -2.40 -5.75
C3' ATP D . -3.80 -3.94 -7.44
O3' ATP D . -4.88 -4.75 -7.90
C2' ATP D . -4.04 -2.58 -8.02
O2' ATP D . -4.65 -2.64 -9.29
C1' ATP D . -4.99 -1.93 -7.01
N9 ATP D . -4.86 -0.47 -7.15
C8 ATP D . -3.71 0.25 -7.10
N7 ATP D . -3.98 1.57 -7.32
C5 ATP D . -5.30 1.71 -7.53
C6 ATP D . -6.25 2.82 -7.83
N6 ATP D . -5.85 4.11 -7.95
N1 ATP D . -7.56 2.48 -8.00
C2 ATP D . -7.98 1.21 -7.88
N3 ATP D . -7.18 0.16 -7.62
C4 ATP D . -5.87 0.35 -7.44
CA CA E . 4.26 17.93 12.21
CA CA F . -6.19 -0.83 27.85
CA CA G . 7.86 -2.02 -10.55
CA CA H . 12.82 -3.99 -32.88
CA CA I . 3.12 8.89 -10.20
#